data_1UXT
#
_entry.id   1UXT
#
_cell.length_a   185.347
_cell.length_b   185.347
_cell.length_c   134.697
_cell.angle_alpha   90.00
_cell.angle_beta   90.00
_cell.angle_gamma   120.00
#
_symmetry.space_group_name_H-M   'P 62 2 2'
#
loop_
_entity.id
_entity.type
_entity.pdbx_description
1 polymer 'GLYCERALDEHYDE-3-PHOSPHATE DEHYDROGENASE (NADP+)'
2 non-polymer 1-O-phosphono-alpha-D-glucopyranose
3 non-polymer NICOTINAMIDE-ADENINE-DINUCLEOTIDE
4 non-polymer 'SODIUM ION'
5 water water
#
_entity_poly.entity_id   1
_entity_poly.type   'polypeptide(L)'
_entity_poly.pdbx_seq_one_letter_code
;MRAGLLEGVIKEKGGVPVYPSYLAGEWGGSGQEIEVKSPIDLATIAKVISPSREEVERTLDVLFKRGRWSARDMPGTERL
AVLRKAADIIERNLDVFAEVLVMNAGKPKSAAVGEVKAAVDRLRLAELDLKKIGGDYIPGDWTYDTLETEGLVRREPLGV
VAAITPFNYPLFDAVNKITYSFIYGNAVVVKPSISDPLPAAMAVKALLDAGFPPDAIALLNLPGKEAEKIVADDRVAAVS
FTGSTEVGERVVKVGGVKQYVMELGGGDPAIVLEDADLDLAADKIARGIYSYAGQRCDAIKLVLAERPVYGKLVEEVAKR
LSSLRVGDPRDPTVDVGPLISPSAVDEMMAAIEDAVEKGGRVLAGGRRLGPTYVQPTFVEAPADRVKDMVLYKREVFAPV
ALAVEVKDLDQAIELANGRPYGLDAAVFGRDVVKIRRAVRLLEVGAIYINDMPRHGIGYYPFGGRKKSGVFREGIGYAVE
AVTAYKTIVFNYKGKGVWKYE
;
_entity_poly.pdbx_strand_id   A
#
loop_
_chem_comp.id
_chem_comp.type
_chem_comp.name
_chem_comp.formula
G1P D-saccharide 1-O-phosphono-alpha-D-glucopyranose 'C6 H13 O9 P'
NA non-polymer 'SODIUM ION' 'Na 1'
NAD non-polymer NICOTINAMIDE-ADENINE-DINUCLEOTIDE 'C21 H27 N7 O14 P2'
#
# COMPACT_ATOMS: atom_id res chain seq x y z
N ALA A 3 -15.92 -4.62 21.47
CA ALA A 3 -15.81 -3.34 22.24
C ALA A 3 -16.54 -2.19 21.52
N GLY A 4 -17.11 -1.27 22.30
CA GLY A 4 -17.83 -0.12 21.78
C GLY A 4 -18.24 -0.20 20.31
N LEU A 5 -17.26 0.01 19.43
CA LEU A 5 -17.45 -0.02 17.98
C LEU A 5 -18.15 -1.25 17.42
N LEU A 6 -17.53 -2.40 17.62
CA LEU A 6 -18.10 -3.65 17.10
C LEU A 6 -18.95 -4.38 18.12
N GLU A 7 -19.61 -3.61 18.98
CA GLU A 7 -20.46 -4.16 20.04
C GLU A 7 -21.39 -5.29 19.62
N GLY A 8 -22.45 -4.97 18.88
CA GLY A 8 -23.38 -6.02 18.48
C GLY A 8 -22.97 -6.83 17.27
N VAL A 9 -21.79 -6.56 16.73
CA VAL A 9 -21.30 -7.26 15.54
C VAL A 9 -20.52 -8.54 15.86
N ILE A 10 -19.50 -8.40 16.70
CA ILE A 10 -18.67 -9.52 17.12
C ILE A 10 -19.47 -10.60 17.87
N LYS A 11 -19.36 -11.83 17.41
CA LYS A 11 -20.04 -12.95 18.04
C LYS A 11 -19.05 -13.62 19.00
N GLU A 12 -19.26 -13.44 20.30
CA GLU A 12 -18.38 -14.05 21.30
C GLU A 12 -18.82 -15.51 21.45
N LYS A 13 -18.16 -16.40 20.73
CA LYS A 13 -18.52 -17.82 20.76
C LYS A 13 -17.28 -18.70 20.84
N GLY A 14 -17.31 -19.65 21.77
CA GLY A 14 -16.18 -20.56 21.93
C GLY A 14 -14.88 -19.89 22.36
N GLY A 15 -14.99 -18.95 23.30
CA GLY A 15 -13.82 -18.27 23.81
C GLY A 15 -13.13 -17.22 22.94
N VAL A 16 -13.22 -17.34 21.62
CA VAL A 16 -12.56 -16.37 20.75
C VAL A 16 -13.58 -15.52 19.98
N PRO A 17 -13.36 -14.20 19.93
CA PRO A 17 -14.29 -13.33 19.21
C PRO A 17 -14.39 -13.72 17.73
N VAL A 18 -15.62 -13.80 17.23
CA VAL A 18 -15.87 -14.15 15.83
C VAL A 18 -16.37 -12.93 15.03
N TYR A 19 -15.54 -12.45 14.11
CA TYR A 19 -15.88 -11.28 13.26
C TYR A 19 -16.57 -11.69 11.96
N PRO A 20 -17.80 -11.19 11.74
CA PRO A 20 -18.47 -11.56 10.49
C PRO A 20 -18.05 -10.64 9.33
N SER A 21 -18.45 -11.01 8.12
CA SER A 21 -18.16 -10.18 6.95
C SER A 21 -19.30 -9.19 6.84
N TYR A 22 -19.08 -8.07 6.16
CA TYR A 22 -20.17 -7.11 5.98
C TYR A 22 -20.70 -7.30 4.55
N LEU A 23 -21.96 -7.68 4.43
CA LEU A 23 -22.57 -7.97 3.14
C LEU A 23 -23.45 -6.91 2.48
N ALA A 24 -22.93 -5.69 2.42
CA ALA A 24 -23.63 -4.55 1.81
C ALA A 24 -25.06 -4.41 2.33
N GLY A 25 -25.17 -4.30 3.65
CA GLY A 25 -26.48 -4.13 4.26
C GLY A 25 -26.44 -4.63 5.69
N GLU A 26 -25.91 -5.82 5.86
CA GLU A 26 -25.85 -6.43 7.18
C GLU A 26 -24.59 -7.26 7.42
N TRP A 27 -24.12 -7.24 8.66
CA TRP A 27 -22.96 -8.04 9.03
C TRP A 27 -23.46 -9.47 9.10
N GLY A 28 -22.67 -10.42 8.60
CA GLY A 28 -23.10 -11.79 8.61
C GLY A 28 -22.09 -12.71 7.98
N GLY A 29 -22.57 -13.76 7.34
CA GLY A 29 -21.68 -14.71 6.70
C GLY A 29 -22.06 -16.12 7.12
N SER A 30 -21.98 -17.07 6.19
CA SER A 30 -22.33 -18.43 6.51
C SER A 30 -21.38 -19.41 5.82
N GLY A 31 -20.17 -18.93 5.52
CA GLY A 31 -19.18 -19.77 4.90
C GLY A 31 -18.24 -20.24 6.00
N GLN A 32 -17.17 -20.94 5.64
CA GLN A 32 -16.21 -21.44 6.62
C GLN A 32 -15.73 -20.33 7.56
N GLU A 33 -15.41 -20.69 8.80
CA GLU A 33 -14.88 -19.73 9.76
C GLU A 33 -13.39 -19.90 9.65
N ILE A 34 -12.64 -18.82 9.83
CA ILE A 34 -11.19 -18.90 9.70
C ILE A 34 -10.51 -18.25 10.87
N GLU A 35 -9.51 -18.95 11.41
CA GLU A 35 -8.78 -18.44 12.57
C GLU A 35 -7.77 -17.39 12.19
N VAL A 36 -7.69 -16.35 13.02
CA VAL A 36 -6.77 -15.25 12.83
C VAL A 36 -5.75 -15.35 13.95
N LYS A 37 -4.47 -15.35 13.61
CA LYS A 37 -3.44 -15.46 14.63
C LYS A 37 -2.56 -14.23 14.80
N SER A 38 -1.91 -14.14 15.95
CA SER A 38 -1.01 -13.05 16.23
C SER A 38 0.39 -13.56 15.97
N PRO A 39 1.24 -12.76 15.31
CA PRO A 39 2.61 -13.22 15.04
C PRO A 39 3.44 -13.11 16.31
N ILE A 40 2.89 -12.41 17.30
CA ILE A 40 3.62 -12.24 18.56
C ILE A 40 3.77 -13.57 19.32
N ASP A 41 2.76 -14.43 19.25
CA ASP A 41 2.79 -15.71 19.94
C ASP A 41 2.16 -16.89 19.21
N LEU A 42 1.89 -16.70 17.92
CA LEU A 42 1.27 -17.73 17.08
C LEU A 42 -0.06 -18.22 17.59
N ALA A 43 -0.66 -17.47 18.50
CA ALA A 43 -1.93 -17.87 19.07
C ALA A 43 -3.13 -17.32 18.30
N THR A 44 -4.24 -18.03 18.37
CA THR A 44 -5.49 -17.63 17.73
C THR A 44 -6.10 -16.51 18.58
N ILE A 45 -6.38 -15.36 17.96
CA ILE A 45 -6.94 -14.23 18.70
C ILE A 45 -8.36 -13.88 18.28
N ALA A 46 -8.82 -14.52 17.21
CA ALA A 46 -10.17 -14.26 16.73
C ALA A 46 -10.42 -15.14 15.56
N LYS A 47 -11.64 -15.08 15.05
CA LYS A 47 -12.01 -15.85 13.87
C LYS A 47 -12.82 -14.90 13.01
N VAL A 48 -12.84 -15.13 11.70
CA VAL A 48 -13.63 -14.30 10.82
C VAL A 48 -14.52 -15.23 10.03
N ILE A 49 -15.73 -14.79 9.74
CA ILE A 49 -16.64 -15.61 8.97
C ILE A 49 -16.57 -15.20 7.50
N SER A 50 -16.22 -16.14 6.64
CA SER A 50 -16.16 -15.84 5.22
C SER A 50 -17.57 -16.03 4.68
N PRO A 51 -17.93 -15.34 3.60
CA PRO A 51 -19.27 -15.51 3.04
C PRO A 51 -19.30 -16.71 2.11
N SER A 52 -20.48 -17.30 1.92
CA SER A 52 -20.61 -18.45 1.02
C SER A 52 -20.66 -17.92 -0.41
N ARG A 53 -20.67 -18.83 -1.38
CA ARG A 53 -20.72 -18.43 -2.78
C ARG A 53 -21.97 -17.59 -3.08
N GLU A 54 -23.09 -17.99 -2.50
CA GLU A 54 -24.33 -17.27 -2.71
C GLU A 54 -24.32 -15.89 -2.07
N GLU A 55 -23.61 -15.75 -0.97
CA GLU A 55 -23.53 -14.47 -0.30
C GLU A 55 -22.61 -13.51 -1.05
N VAL A 56 -21.61 -14.05 -1.73
CA VAL A 56 -20.71 -13.24 -2.53
C VAL A 56 -21.50 -12.71 -3.71
N GLU A 57 -22.23 -13.61 -4.35
CA GLU A 57 -23.06 -13.29 -5.49
C GLU A 57 -24.12 -12.27 -5.13
N ARG A 58 -24.78 -12.45 -3.98
CA ARG A 58 -25.83 -11.54 -3.55
C ARG A 58 -25.22 -10.17 -3.22
N THR A 59 -24.07 -10.18 -2.58
CA THR A 59 -23.43 -8.91 -2.23
C THR A 59 -23.05 -8.11 -3.49
N LEU A 60 -22.48 -8.78 -4.48
CA LEU A 60 -22.09 -8.09 -5.71
C LEU A 60 -23.32 -7.50 -6.37
N ASP A 61 -24.41 -8.26 -6.35
CA ASP A 61 -25.65 -7.81 -6.94
C ASP A 61 -26.17 -6.57 -6.22
N VAL A 62 -26.06 -6.53 -4.89
CA VAL A 62 -26.52 -5.35 -4.16
C VAL A 62 -25.63 -4.15 -4.50
N LEU A 63 -24.32 -4.37 -4.47
CA LEU A 63 -23.35 -3.32 -4.78
C LEU A 63 -23.61 -2.71 -6.16
N PHE A 64 -23.81 -3.59 -7.16
CA PHE A 64 -24.05 -3.16 -8.54
C PHE A 64 -25.39 -2.47 -8.73
N LYS A 65 -26.47 -3.11 -8.32
CA LYS A 65 -27.81 -2.55 -8.49
C LYS A 65 -28.19 -1.39 -7.57
N ARG A 66 -27.67 -1.40 -6.35
CA ARG A 66 -28.05 -0.34 -5.42
C ARG A 66 -26.92 0.54 -4.94
N GLY A 67 -25.81 -0.09 -4.54
CA GLY A 67 -24.68 0.67 -4.03
C GLY A 67 -24.12 1.70 -5.00
N ARG A 68 -24.06 1.37 -6.28
CA ARG A 68 -23.52 2.34 -7.23
C ARG A 68 -24.29 3.64 -7.12
N TRP A 69 -25.60 3.54 -7.08
CA TRP A 69 -26.44 4.71 -6.99
C TRP A 69 -26.48 5.39 -5.64
N SER A 70 -26.35 4.62 -4.55
CA SER A 70 -26.35 5.22 -3.20
C SER A 70 -25.10 6.06 -3.01
N ALA A 71 -24.00 5.56 -3.52
CA ALA A 71 -22.74 6.29 -3.40
C ALA A 71 -22.80 7.51 -4.31
N ARG A 72 -23.13 7.30 -5.57
CA ARG A 72 -23.17 8.38 -6.54
C ARG A 72 -24.26 9.41 -6.23
N ASP A 73 -25.40 8.95 -5.74
CA ASP A 73 -26.47 9.87 -5.46
C ASP A 73 -26.38 10.57 -4.12
N MET A 74 -25.29 10.30 -3.39
CA MET A 74 -25.03 11.02 -2.15
C MET A 74 -24.10 12.16 -2.65
N PRO A 75 -24.55 13.41 -2.58
CA PRO A 75 -23.66 14.46 -3.06
C PRO A 75 -22.31 14.52 -2.35
N GLY A 76 -21.29 15.01 -3.08
CA GLY A 76 -19.97 15.10 -2.51
C GLY A 76 -19.89 15.83 -1.17
N THR A 77 -20.70 16.86 -1.00
CA THR A 77 -20.66 17.60 0.24
C THR A 77 -20.99 16.64 1.42
N GLU A 78 -21.88 15.69 1.20
CA GLU A 78 -22.23 14.72 2.21
C GLU A 78 -21.20 13.62 2.33
N ARG A 79 -20.59 13.21 1.22
CA ARG A 79 -19.60 12.16 1.30
C ARG A 79 -18.47 12.64 2.20
N LEU A 80 -18.13 13.90 2.05
CA LEU A 80 -17.06 14.51 2.83
C LEU A 80 -17.41 14.48 4.33
N ALA A 81 -18.67 14.76 4.65
CA ALA A 81 -19.13 14.75 6.03
C ALA A 81 -19.01 13.33 6.58
N VAL A 82 -19.38 12.34 5.76
CA VAL A 82 -19.27 10.97 6.17
C VAL A 82 -17.82 10.65 6.51
N LEU A 83 -16.89 11.06 5.64
CA LEU A 83 -15.49 10.77 5.88
C LEU A 83 -14.92 11.53 7.08
N ARG A 84 -15.33 12.78 7.28
CA ARG A 84 -14.83 13.53 8.42
C ARG A 84 -15.34 12.92 9.75
N LYS A 85 -16.55 12.39 9.72
CA LYS A 85 -17.12 11.78 10.91
C LYS A 85 -16.46 10.44 11.19
N ALA A 86 -16.14 9.70 10.12
CA ALA A 86 -15.49 8.42 10.33
C ALA A 86 -14.12 8.67 10.92
N ALA A 87 -13.50 9.79 10.56
CA ALA A 87 -12.19 10.11 11.08
C ALA A 87 -12.28 10.36 12.60
N ASP A 88 -13.32 11.08 13.01
CA ASP A 88 -13.52 11.38 14.41
C ASP A 88 -13.71 10.10 15.25
N ILE A 89 -14.48 9.17 14.72
CA ILE A 89 -14.74 7.91 15.39
C ILE A 89 -13.48 7.08 15.52
N ILE A 90 -12.70 7.01 14.46
CA ILE A 90 -11.47 6.23 14.53
C ILE A 90 -10.54 6.89 15.54
N GLU A 91 -10.41 8.20 15.45
CA GLU A 91 -9.55 8.94 16.35
C GLU A 91 -9.87 8.75 17.84
N ARG A 92 -11.14 8.75 18.21
CA ARG A 92 -11.46 8.58 19.63
C ARG A 92 -11.32 7.13 20.06
N ASN A 93 -11.20 6.22 19.11
CA ASN A 93 -11.02 4.80 19.40
C ASN A 93 -9.59 4.44 19.04
N LEU A 94 -8.72 5.44 19.05
CA LEU A 94 -7.34 5.27 18.68
C LEU A 94 -6.62 4.13 19.37
N ASP A 95 -6.65 4.12 20.69
CA ASP A 95 -5.97 3.08 21.45
C ASP A 95 -6.46 1.70 21.07
N VAL A 96 -7.77 1.56 20.90
CA VAL A 96 -8.35 0.27 20.53
C VAL A 96 -7.87 -0.15 19.13
N PHE A 97 -7.85 0.80 18.19
CA PHE A 97 -7.39 0.50 16.84
C PHE A 97 -5.92 0.10 16.90
N ALA A 98 -5.12 0.86 17.64
CA ALA A 98 -3.70 0.59 17.76
C ALA A 98 -3.43 -0.79 18.39
N GLU A 99 -4.12 -1.11 19.50
CA GLU A 99 -3.91 -2.40 20.15
C GLU A 99 -4.12 -3.57 19.18
N VAL A 100 -5.17 -3.49 18.37
CA VAL A 100 -5.44 -4.56 17.40
C VAL A 100 -4.31 -4.64 16.37
N LEU A 101 -3.76 -3.50 15.97
CA LEU A 101 -2.68 -3.52 15.00
C LEU A 101 -1.46 -4.19 15.64
N VAL A 102 -1.15 -3.80 16.87
CA VAL A 102 -0.03 -4.41 17.57
C VAL A 102 -0.23 -5.92 17.65
N MET A 103 -1.40 -6.33 18.11
CA MET A 103 -1.70 -7.75 18.27
C MET A 103 -1.89 -8.53 16.99
N ASN A 104 -2.71 -8.01 16.08
CA ASN A 104 -2.96 -8.75 14.87
C ASN A 104 -1.82 -8.71 13.86
N ALA A 105 -1.08 -7.61 13.81
CA ALA A 105 0.00 -7.47 12.83
C ALA A 105 1.40 -7.53 13.41
N GLY A 106 1.51 -7.45 14.74
CA GLY A 106 2.82 -7.52 15.36
C GLY A 106 3.55 -6.22 15.20
N LYS A 107 2.80 -5.17 14.97
CA LYS A 107 3.35 -3.85 14.75
C LYS A 107 3.78 -3.19 16.06
N PRO A 108 4.99 -2.60 16.08
CA PRO A 108 5.45 -1.93 17.30
C PRO A 108 4.44 -0.82 17.64
N LYS A 109 4.26 -0.54 18.92
CA LYS A 109 3.28 0.48 19.35
C LYS A 109 3.32 1.81 18.62
N SER A 110 4.49 2.42 18.48
CA SER A 110 4.61 3.70 17.80
C SER A 110 4.18 3.61 16.32
N ALA A 111 4.47 2.48 15.69
CA ALA A 111 4.11 2.25 14.30
C ALA A 111 2.60 2.05 14.18
N ALA A 112 2.01 1.32 15.14
CA ALA A 112 0.58 1.09 15.11
C ALA A 112 -0.14 2.42 15.27
N VAL A 113 0.33 3.25 16.19
CA VAL A 113 -0.29 4.55 16.41
C VAL A 113 -0.15 5.43 15.16
N GLY A 114 1.03 5.40 14.52
CA GLY A 114 1.26 6.18 13.32
C GLY A 114 0.28 5.80 12.21
N GLU A 115 0.07 4.51 12.02
CA GLU A 115 -0.85 4.04 11.00
C GLU A 115 -2.28 4.50 11.26
N VAL A 116 -2.73 4.42 12.51
CA VAL A 116 -4.09 4.85 12.81
C VAL A 116 -4.22 6.33 12.48
N LYS A 117 -3.23 7.10 12.88
CA LYS A 117 -3.24 8.52 12.62
C LYS A 117 -3.18 8.85 11.12
N ALA A 118 -2.44 8.05 10.36
CA ALA A 118 -2.35 8.28 8.92
C ALA A 118 -3.76 8.06 8.37
N ALA A 119 -4.44 7.02 8.87
CA ALA A 119 -5.79 6.71 8.43
C ALA A 119 -6.76 7.83 8.74
N VAL A 120 -6.59 8.47 9.89
CA VAL A 120 -7.45 9.57 10.29
C VAL A 120 -7.20 10.79 9.38
N ASP A 121 -5.93 11.12 9.18
CA ASP A 121 -5.57 12.24 8.31
C ASP A 121 -6.07 12.03 6.89
N ARG A 122 -5.93 10.82 6.39
CA ARG A 122 -6.33 10.53 5.05
C ARG A 122 -7.82 10.85 4.88
N LEU A 123 -8.61 10.44 5.87
CA LEU A 123 -10.04 10.67 5.86
C LEU A 123 -10.37 12.14 5.94
N ARG A 124 -9.66 12.87 6.78
CA ARG A 124 -9.90 14.30 6.93
C ARG A 124 -9.45 15.18 5.78
N LEU A 125 -8.53 14.67 4.96
CA LEU A 125 -8.01 15.44 3.84
C LEU A 125 -8.65 15.05 2.51
N ALA A 126 -9.81 14.41 2.59
CA ALA A 126 -10.50 13.95 1.41
C ALA A 126 -10.83 15.12 0.50
N GLU A 127 -10.95 16.31 1.07
CA GLU A 127 -11.24 17.48 0.25
C GLU A 127 -10.04 17.86 -0.66
N LEU A 128 -8.82 17.48 -0.30
CA LEU A 128 -7.67 17.80 -1.17
C LEU A 128 -7.73 16.94 -2.43
N ASP A 129 -8.48 15.84 -2.41
CA ASP A 129 -8.61 14.96 -3.58
C ASP A 129 -9.38 15.65 -4.71
N LEU A 130 -10.03 16.77 -4.40
CA LEU A 130 -10.81 17.50 -5.38
C LEU A 130 -9.94 18.35 -6.32
N LYS A 131 -8.64 18.40 -6.07
CA LYS A 131 -7.77 19.20 -6.93
C LYS A 131 -7.74 18.60 -8.33
N LYS A 132 -8.13 17.34 -8.46
CA LYS A 132 -8.15 16.71 -9.78
C LYS A 132 -9.54 16.21 -10.17
N ILE A 133 -10.60 16.81 -9.61
CA ILE A 133 -11.95 16.37 -9.96
C ILE A 133 -12.66 17.17 -11.07
N GLY A 134 -12.20 18.40 -11.30
CA GLY A 134 -12.81 19.22 -12.33
C GLY A 134 -12.59 18.65 -13.73
N GLY A 135 -13.49 18.99 -14.66
CA GLY A 135 -13.39 18.51 -16.02
C GLY A 135 -12.85 19.57 -16.97
N ASP A 136 -12.80 19.23 -18.26
CA ASP A 136 -12.25 20.18 -19.25
C ASP A 136 -13.29 20.69 -20.26
N TYR A 137 -13.09 21.90 -20.73
CA TYR A 137 -13.95 22.56 -21.71
C TYR A 137 -13.02 22.82 -22.91
N ILE A 138 -13.24 22.07 -23.99
CA ILE A 138 -12.39 22.12 -25.21
C ILE A 138 -13.04 22.89 -26.36
N PRO A 139 -12.51 24.09 -26.68
CA PRO A 139 -13.08 24.87 -27.80
C PRO A 139 -12.82 24.11 -29.13
N GLY A 140 -13.73 24.22 -30.10
CA GLY A 140 -13.54 23.47 -31.33
C GLY A 140 -12.92 24.13 -32.54
N ASP A 141 -12.61 25.42 -32.46
CA ASP A 141 -12.07 26.13 -33.62
C ASP A 141 -10.57 25.97 -33.94
N TRP A 142 -9.91 24.98 -33.37
CA TRP A 142 -8.49 24.83 -33.62
C TRP A 142 -8.21 23.82 -34.71
N THR A 143 -9.29 23.30 -35.27
CA THR A 143 -9.23 22.35 -36.37
C THR A 143 -10.41 22.70 -37.28
N TYR A 144 -10.21 22.56 -38.59
CA TYR A 144 -11.27 22.86 -39.54
C TYR A 144 -12.46 21.90 -39.37
N ASP A 145 -12.17 20.62 -39.14
CA ASP A 145 -13.25 19.65 -38.97
C ASP A 145 -14.13 19.84 -37.72
N THR A 146 -13.60 20.52 -36.70
CA THR A 146 -14.34 20.72 -35.47
C THR A 146 -14.92 22.11 -35.31
N LEU A 147 -14.79 22.93 -36.35
CA LEU A 147 -15.32 24.30 -36.29
C LEU A 147 -16.81 24.31 -35.91
N GLU A 148 -17.22 25.27 -35.07
CA GLU A 148 -18.60 25.41 -34.62
C GLU A 148 -19.08 24.24 -33.77
N THR A 149 -18.11 23.53 -33.22
CA THR A 149 -18.30 22.38 -32.34
C THR A 149 -17.53 22.72 -31.03
N GLU A 150 -17.76 21.94 -29.96
CA GLU A 150 -17.02 22.12 -28.71
C GLU A 150 -17.30 20.93 -27.82
N GLY A 151 -16.39 20.65 -26.89
CA GLY A 151 -16.58 19.50 -26.02
C GLY A 151 -16.35 19.76 -24.54
N LEU A 152 -17.00 18.96 -23.72
CA LEU A 152 -16.88 18.99 -22.28
C LEU A 152 -16.36 17.61 -21.94
N VAL A 153 -15.38 17.52 -21.05
CA VAL A 153 -14.84 16.24 -20.62
C VAL A 153 -14.98 16.21 -19.09
N ARG A 154 -15.74 15.28 -18.56
CA ARG A 154 -15.86 15.24 -17.11
C ARG A 154 -15.66 13.85 -16.57
N ARG A 155 -15.28 13.76 -15.29
CA ARG A 155 -15.07 12.45 -14.68
C ARG A 155 -16.37 11.88 -14.14
N GLU A 156 -16.45 10.57 -14.19
CA GLU A 156 -17.62 9.87 -13.71
C GLU A 156 -17.18 8.63 -12.93
N PRO A 157 -17.91 8.27 -11.85
CA PRO A 157 -17.45 7.08 -11.14
C PRO A 157 -17.57 5.85 -12.05
N LEU A 158 -16.69 4.88 -11.90
CA LEU A 158 -16.77 3.67 -12.70
C LEU A 158 -17.89 2.76 -12.23
N GLY A 159 -18.16 2.75 -10.92
CA GLY A 159 -19.22 1.88 -10.40
C GLY A 159 -18.80 1.15 -9.15
N VAL A 160 -18.44 -0.12 -9.28
CA VAL A 160 -18.00 -0.89 -8.12
C VAL A 160 -16.50 -1.13 -8.20
N VAL A 161 -15.78 -0.67 -7.18
CA VAL A 161 -14.33 -0.86 -7.10
C VAL A 161 -14.00 -1.96 -6.09
N ALA A 162 -13.19 -2.94 -6.50
CA ALA A 162 -12.77 -3.99 -5.59
C ALA A 162 -11.40 -3.58 -5.05
N ALA A 163 -11.31 -3.37 -3.74
CA ALA A 163 -10.06 -2.98 -3.09
C ALA A 163 -9.48 -4.22 -2.41
N ILE A 164 -8.31 -4.67 -2.89
CA ILE A 164 -7.67 -5.85 -2.32
C ILE A 164 -6.42 -5.34 -1.62
N THR A 165 -6.34 -5.65 -0.34
CA THR A 165 -5.26 -5.13 0.49
C THR A 165 -4.27 -6.16 1.01
N PRO A 166 -3.03 -5.72 1.31
CA PRO A 166 -1.98 -6.60 1.81
C PRO A 166 -1.97 -6.67 3.36
N PHE A 167 -1.16 -7.54 3.91
CA PHE A 167 -1.15 -7.70 5.36
C PHE A 167 -0.43 -6.61 6.10
N ASN A 168 0.57 -5.98 5.48
CA ASN A 168 1.38 -5.01 6.21
C ASN A 168 0.87 -3.60 6.55
N TYR A 169 -0.23 -3.18 5.95
CA TYR A 169 -0.84 -1.86 6.27
C TYR A 169 -2.32 -2.24 6.26
N PRO A 170 -2.71 -3.19 7.11
CA PRO A 170 -4.09 -3.67 7.21
C PRO A 170 -5.15 -2.61 7.44
N LEU A 171 -4.80 -1.53 8.13
CA LEU A 171 -5.78 -0.47 8.36
C LEU A 171 -5.70 0.66 7.32
N PHE A 172 -4.51 1.22 7.16
CA PHE A 172 -4.38 2.32 6.23
C PHE A 172 -4.75 1.99 4.78
N ASP A 173 -4.25 0.88 4.25
CA ASP A 173 -4.54 0.56 2.85
C ASP A 173 -6.02 0.45 2.59
N ALA A 174 -6.75 -0.11 3.56
CA ALA A 174 -8.18 -0.26 3.37
C ALA A 174 -8.88 1.09 3.43
N VAL A 175 -8.45 1.98 4.32
CA VAL A 175 -9.09 3.29 4.44
C VAL A 175 -8.78 4.19 3.25
N ASN A 176 -7.55 4.09 2.78
CA ASN A 176 -7.07 4.87 1.62
C ASN A 176 -7.91 4.50 0.39
N LYS A 177 -7.95 3.21 0.05
CA LYS A 177 -8.72 2.75 -1.10
C LYS A 177 -10.19 3.08 -0.96
N ILE A 178 -10.76 2.91 0.24
CA ILE A 178 -12.17 3.24 0.40
C ILE A 178 -12.39 4.73 0.21
N THR A 179 -11.44 5.52 0.69
CA THR A 179 -11.60 6.95 0.61
C THR A 179 -11.57 7.46 -0.81
N TYR A 180 -10.54 7.11 -1.60
CA TYR A 180 -10.50 7.65 -2.94
C TYR A 180 -11.54 7.04 -3.84
N SER A 181 -12.01 5.84 -3.51
CA SER A 181 -13.04 5.23 -4.33
C SER A 181 -14.38 5.90 -4.06
N PHE A 182 -14.73 6.08 -2.78
CA PHE A 182 -16.00 6.69 -2.39
C PHE A 182 -16.10 8.17 -2.74
N ILE A 183 -15.02 8.90 -2.50
CA ILE A 183 -15.07 10.31 -2.75
C ILE A 183 -15.50 10.67 -4.20
N TYR A 184 -15.17 9.82 -5.17
CA TYR A 184 -15.55 10.08 -6.56
C TYR A 184 -16.91 9.47 -6.95
N GLY A 185 -17.61 8.86 -5.99
CA GLY A 185 -18.93 8.31 -6.24
C GLY A 185 -19.09 6.84 -6.49
N ASN A 186 -18.08 6.04 -6.16
CA ASN A 186 -18.12 4.59 -6.36
C ASN A 186 -18.57 3.80 -5.12
N ALA A 187 -19.05 2.57 -5.36
CA ALA A 187 -19.42 1.62 -4.31
C ALA A 187 -18.09 0.85 -4.21
N VAL A 188 -17.83 0.21 -3.07
CA VAL A 188 -16.57 -0.50 -2.83
C VAL A 188 -16.69 -1.86 -2.17
N VAL A 189 -15.93 -2.84 -2.67
CA VAL A 189 -15.88 -4.19 -2.08
C VAL A 189 -14.46 -4.28 -1.53
N VAL A 190 -14.32 -4.49 -0.21
CA VAL A 190 -13.01 -4.59 0.41
C VAL A 190 -12.69 -6.04 0.68
N LYS A 191 -11.47 -6.44 0.34
CA LYS A 191 -11.04 -7.80 0.57
C LYS A 191 -9.65 -7.70 1.18
N PRO A 192 -9.57 -7.75 2.52
CA PRO A 192 -8.32 -7.66 3.29
C PRO A 192 -7.56 -8.97 3.32
N SER A 193 -6.30 -8.93 3.73
CA SER A 193 -5.52 -10.15 3.85
C SER A 193 -6.27 -10.93 4.92
N ILE A 194 -6.45 -12.23 4.72
CA ILE A 194 -7.17 -13.03 5.70
C ILE A 194 -6.26 -13.22 6.92
N SER A 195 -5.03 -12.73 6.78
CA SER A 195 -4.01 -12.80 7.81
C SER A 195 -4.29 -11.84 8.98
N ASP A 196 -4.71 -10.63 8.65
CA ASP A 196 -5.04 -9.62 9.67
C ASP A 196 -6.18 -8.69 9.20
N PRO A 197 -7.39 -9.25 9.05
CA PRO A 197 -8.61 -8.56 8.60
C PRO A 197 -9.37 -7.79 9.68
N LEU A 198 -8.90 -7.86 10.92
CA LEU A 198 -9.60 -7.19 12.02
C LEU A 198 -9.64 -5.66 11.92
N PRO A 199 -8.51 -5.02 11.61
CA PRO A 199 -8.50 -3.56 11.50
C PRO A 199 -9.48 -3.04 10.43
N ALA A 200 -9.57 -3.73 9.30
CA ALA A 200 -10.45 -3.33 8.23
C ALA A 200 -11.90 -3.45 8.68
N ALA A 201 -12.20 -4.52 9.40
CA ALA A 201 -13.56 -4.73 9.91
C ALA A 201 -13.91 -3.52 10.78
N MET A 202 -12.98 -3.11 11.63
CA MET A 202 -13.21 -1.96 12.50
C MET A 202 -13.36 -0.64 11.76
N ALA A 203 -12.57 -0.46 10.70
CA ALA A 203 -12.63 0.77 9.91
C ALA A 203 -13.98 0.83 9.19
N VAL A 204 -14.38 -0.29 8.59
CA VAL A 204 -15.66 -0.34 7.87
C VAL A 204 -16.83 -0.04 8.82
N LYS A 205 -16.74 -0.54 10.06
CA LYS A 205 -17.80 -0.27 11.04
C LYS A 205 -17.85 1.21 11.38
N ALA A 206 -16.69 1.84 11.54
CA ALA A 206 -16.67 3.26 11.83
C ALA A 206 -17.30 4.08 10.68
N LEU A 207 -17.05 3.66 9.43
CA LEU A 207 -17.60 4.36 8.25
C LEU A 207 -19.11 4.20 8.21
N LEU A 208 -19.58 2.99 8.50
CA LEU A 208 -21.00 2.74 8.54
C LEU A 208 -21.66 3.58 9.65
N ASP A 209 -21.00 3.67 10.79
CA ASP A 209 -21.56 4.48 11.88
C ASP A 209 -21.58 5.94 11.48
N ALA A 210 -20.60 6.33 10.65
CA ALA A 210 -20.49 7.72 10.21
C ALA A 210 -21.52 8.11 9.13
N GLY A 211 -22.24 7.12 8.60
CA GLY A 211 -23.23 7.40 7.57
C GLY A 211 -22.94 6.87 6.17
N PHE A 212 -21.85 6.13 6.00
CA PHE A 212 -21.51 5.59 4.69
C PHE A 212 -22.69 4.76 4.19
N PRO A 213 -23.25 5.10 2.99
CA PRO A 213 -24.40 4.37 2.41
C PRO A 213 -24.22 2.88 2.63
N PRO A 214 -25.09 2.28 3.48
CA PRO A 214 -25.07 0.87 3.86
C PRO A 214 -24.98 -0.17 2.78
N ASP A 215 -25.58 0.10 1.62
CA ASP A 215 -25.52 -0.85 0.51
C ASP A 215 -24.39 -0.54 -0.52
N ALA A 216 -23.52 0.42 -0.20
CA ALA A 216 -22.44 0.81 -1.11
C ALA A 216 -21.06 0.31 -0.68
N ILE A 217 -21.03 -0.52 0.36
CA ILE A 217 -19.76 -1.08 0.84
C ILE A 217 -19.90 -2.53 1.30
N ALA A 218 -18.82 -3.28 1.17
CA ALA A 218 -18.84 -4.69 1.57
C ALA A 218 -17.45 -5.02 2.04
N LEU A 219 -17.37 -5.96 2.98
CA LEU A 219 -16.10 -6.38 3.54
C LEU A 219 -16.19 -7.89 3.53
N LEU A 220 -15.45 -8.52 2.63
CA LEU A 220 -15.50 -9.95 2.48
C LEU A 220 -14.23 -10.64 2.93
N ASN A 221 -14.33 -11.35 4.05
CA ASN A 221 -13.20 -12.08 4.62
C ASN A 221 -13.09 -13.37 3.84
N LEU A 222 -12.36 -13.32 2.73
CA LEU A 222 -12.19 -14.47 1.89
C LEU A 222 -10.71 -14.74 1.71
N PRO A 223 -10.31 -16.02 1.69
CA PRO A 223 -8.89 -16.27 1.51
C PRO A 223 -8.53 -15.96 0.05
N GLY A 224 -7.25 -15.70 -0.19
CA GLY A 224 -6.78 -15.38 -1.53
C GLY A 224 -7.54 -15.85 -2.75
N LYS A 225 -7.38 -17.11 -3.14
CA LYS A 225 -8.03 -17.60 -4.34
C LYS A 225 -9.55 -17.63 -4.38
N GLU A 226 -10.21 -17.39 -3.27
CA GLU A 226 -11.67 -17.38 -3.29
C GLU A 226 -12.12 -15.98 -3.68
N ALA A 227 -11.18 -15.04 -3.60
CA ALA A 227 -11.46 -13.66 -3.97
C ALA A 227 -11.51 -13.52 -5.49
N GLU A 228 -10.83 -14.43 -6.20
CA GLU A 228 -10.80 -14.40 -7.66
C GLU A 228 -12.19 -14.23 -8.25
N LYS A 229 -13.15 -14.86 -7.59
CA LYS A 229 -14.56 -14.81 -7.99
C LYS A 229 -15.02 -13.34 -8.14
N ILE A 230 -14.54 -12.47 -7.25
CA ILE A 230 -14.92 -11.06 -7.28
C ILE A 230 -14.21 -10.29 -8.38
N VAL A 231 -12.91 -10.50 -8.49
CA VAL A 231 -12.12 -9.83 -9.50
C VAL A 231 -12.65 -10.14 -10.91
N ALA A 232 -13.01 -11.40 -11.17
CA ALA A 232 -13.49 -11.83 -12.47
C ALA A 232 -14.92 -11.40 -12.82
N ASP A 233 -15.64 -10.83 -11.87
CA ASP A 233 -17.02 -10.45 -12.15
C ASP A 233 -17.18 -9.14 -12.92
N ASP A 234 -18.05 -9.18 -13.93
CA ASP A 234 -18.30 -8.02 -14.78
C ASP A 234 -18.90 -6.82 -14.05
N ARG A 235 -19.45 -7.04 -12.85
CA ARG A 235 -20.03 -5.93 -12.08
C ARG A 235 -18.93 -5.14 -11.36
N VAL A 236 -17.73 -5.70 -11.30
CA VAL A 236 -16.60 -4.99 -10.70
C VAL A 236 -15.89 -4.27 -11.87
N ALA A 237 -15.97 -2.95 -11.86
CA ALA A 237 -15.39 -2.15 -12.94
C ALA A 237 -13.94 -1.74 -12.72
N ALA A 238 -13.43 -1.92 -11.51
CA ALA A 238 -12.06 -1.51 -11.22
C ALA A 238 -11.52 -2.34 -10.11
N VAL A 239 -10.21 -2.56 -10.14
CA VAL A 239 -9.54 -3.33 -9.12
C VAL A 239 -8.32 -2.55 -8.63
N SER A 240 -8.35 -2.14 -7.37
CA SER A 240 -7.23 -1.44 -6.76
C SER A 240 -6.55 -2.53 -5.92
N PHE A 241 -5.39 -2.96 -6.38
CA PHE A 241 -4.66 -4.05 -5.74
C PHE A 241 -3.30 -3.63 -5.24
N THR A 242 -3.05 -3.92 -3.97
CA THR A 242 -1.76 -3.65 -3.35
C THR A 242 -1.37 -5.00 -2.79
N GLY A 243 -0.20 -5.48 -3.21
CA GLY A 243 0.28 -6.77 -2.79
C GLY A 243 1.53 -7.18 -3.58
N SER A 244 1.78 -8.47 -3.69
CA SER A 244 2.95 -8.96 -4.41
C SER A 244 2.74 -9.06 -5.91
N THR A 245 3.87 -9.07 -6.63
CA THR A 245 3.91 -9.15 -8.08
C THR A 245 3.18 -10.35 -8.64
N GLU A 246 3.48 -11.51 -8.09
CA GLU A 246 2.89 -12.74 -8.55
C GLU A 246 1.36 -12.78 -8.42
N VAL A 247 0.83 -12.27 -7.32
CA VAL A 247 -0.62 -12.27 -7.17
C VAL A 247 -1.21 -11.22 -8.10
N GLY A 248 -0.53 -10.08 -8.20
CA GLY A 248 -1.01 -9.02 -9.06
C GLY A 248 -1.23 -9.52 -10.48
N GLU A 249 -0.31 -10.35 -10.95
CA GLU A 249 -0.37 -10.93 -12.28
C GLU A 249 -1.60 -11.82 -12.42
N ARG A 250 -1.84 -12.65 -11.42
CA ARG A 250 -2.99 -13.54 -11.40
C ARG A 250 -4.27 -12.74 -11.45
N VAL A 251 -4.32 -11.66 -10.68
CA VAL A 251 -5.50 -10.80 -10.63
C VAL A 251 -5.88 -10.24 -12.00
N VAL A 252 -4.90 -9.72 -12.73
CA VAL A 252 -5.22 -9.17 -14.04
C VAL A 252 -5.64 -10.27 -15.01
N LYS A 253 -4.97 -11.41 -14.97
CA LYS A 253 -5.30 -12.51 -15.87
C LYS A 253 -6.69 -13.09 -15.62
N VAL A 254 -7.18 -12.88 -14.40
CA VAL A 254 -8.50 -13.35 -14.01
C VAL A 254 -9.54 -12.27 -14.30
N GLY A 255 -9.15 -11.03 -14.06
CA GLY A 255 -10.06 -9.92 -14.27
C GLY A 255 -10.31 -9.55 -15.72
N GLY A 256 -9.29 -9.67 -16.56
CA GLY A 256 -9.48 -9.30 -17.95
C GLY A 256 -9.55 -7.79 -18.07
N VAL A 257 -10.26 -7.29 -19.07
CA VAL A 257 -10.39 -5.84 -19.29
C VAL A 257 -11.11 -5.14 -18.13
N LYS A 258 -10.41 -4.21 -17.49
CA LYS A 258 -10.95 -3.49 -16.33
C LYS A 258 -9.95 -2.37 -16.06
N GLN A 259 -10.29 -1.43 -15.19
CA GLN A 259 -9.37 -0.37 -14.84
C GLN A 259 -8.62 -0.92 -13.60
N TYR A 260 -7.30 -0.83 -13.61
CA TYR A 260 -6.47 -1.35 -12.52
C TYR A 260 -5.44 -0.37 -11.96
N VAL A 261 -5.15 -0.52 -10.68
CA VAL A 261 -4.04 0.21 -10.06
C VAL A 261 -3.37 -0.99 -9.42
N MET A 262 -2.08 -1.21 -9.70
CA MET A 262 -1.36 -2.33 -9.14
C MET A 262 -0.10 -1.80 -8.47
N GLU A 263 -0.08 -1.88 -7.14
CA GLU A 263 1.07 -1.44 -6.35
C GLU A 263 1.65 -2.79 -5.95
N LEU A 264 2.72 -3.19 -6.63
CA LEU A 264 3.30 -4.52 -6.43
C LEU A 264 4.63 -4.56 -5.68
N GLY A 265 4.93 -3.50 -4.96
CA GLY A 265 6.14 -3.45 -4.16
C GLY A 265 7.51 -3.85 -4.70
N GLY A 266 8.24 -4.59 -3.87
CA GLY A 266 9.59 -5.01 -4.20
C GLY A 266 10.41 -4.15 -3.26
N GLY A 267 11.71 -4.25 -3.22
CA GLY A 267 12.32 -3.35 -2.26
C GLY A 267 12.76 -2.07 -2.91
N ASP A 268 13.51 -1.26 -2.17
CA ASP A 268 14.04 0.00 -2.67
C ASP A 268 15.56 0.11 -2.43
N PRO A 269 16.30 0.64 -3.41
CA PRO A 269 17.74 0.84 -3.28
C PRO A 269 17.96 2.25 -2.74
N ALA A 270 19.06 2.45 -2.03
CA ALA A 270 19.41 3.76 -1.51
C ALA A 270 20.83 4.03 -2.01
N ILE A 271 21.07 5.24 -2.49
CA ILE A 271 22.37 5.61 -3.03
C ILE A 271 22.92 6.77 -2.23
N VAL A 272 24.18 6.65 -1.82
CA VAL A 272 24.82 7.70 -1.06
C VAL A 272 25.99 8.30 -1.83
N LEU A 273 25.86 9.56 -2.20
CA LEU A 273 26.91 10.23 -2.95
C LEU A 273 27.99 10.67 -1.96
N GLU A 274 29.18 10.93 -2.47
CA GLU A 274 30.30 11.33 -1.64
C GLU A 274 30.09 12.63 -0.88
N ASP A 275 29.17 13.47 -1.33
CA ASP A 275 28.94 14.73 -0.64
C ASP A 275 27.76 14.71 0.33
N ALA A 276 27.23 13.51 0.55
CA ALA A 276 26.07 13.35 1.44
C ALA A 276 26.35 13.58 2.92
N ASP A 277 25.34 14.05 3.64
CA ASP A 277 25.46 14.23 5.09
C ASP A 277 25.36 12.78 5.55
N LEU A 278 26.48 12.20 5.98
CA LEU A 278 26.48 10.80 6.41
C LEU A 278 25.68 10.51 7.69
N ASP A 279 25.48 11.52 8.54
CA ASP A 279 24.70 11.31 9.76
C ASP A 279 23.24 11.18 9.37
N LEU A 280 22.77 12.08 8.51
CA LEU A 280 21.40 12.00 8.03
C LEU A 280 21.19 10.67 7.32
N ALA A 281 22.09 10.35 6.39
CA ALA A 281 21.99 9.11 5.61
C ALA A 281 21.98 7.84 6.44
N ALA A 282 22.97 7.72 7.33
CA ALA A 282 23.06 6.54 8.18
C ALA A 282 21.76 6.37 8.99
N ASP A 283 21.27 7.46 9.55
CA ASP A 283 20.04 7.36 10.31
C ASP A 283 18.85 6.93 9.44
N LYS A 284 18.61 7.66 8.35
CA LYS A 284 17.49 7.34 7.46
C LYS A 284 17.57 5.95 6.87
N ILE A 285 18.77 5.53 6.49
CA ILE A 285 18.92 4.20 5.90
C ILE A 285 18.67 3.07 6.90
N ALA A 286 19.21 3.21 8.12
CA ALA A 286 18.99 2.19 9.16
C ALA A 286 17.48 2.05 9.35
N ARG A 287 16.81 3.18 9.47
CA ARG A 287 15.36 3.18 9.63
C ARG A 287 14.64 2.53 8.46
N GLY A 288 15.06 2.85 7.24
CA GLY A 288 14.40 2.27 6.10
C GLY A 288 14.58 0.77 6.06
N ILE A 289 15.68 0.30 6.62
CA ILE A 289 15.92 -1.13 6.62
C ILE A 289 15.07 -1.89 7.65
N TYR A 290 14.98 -1.39 8.88
CA TYR A 290 14.24 -2.12 9.92
C TYR A 290 12.78 -1.77 10.24
N SER A 291 12.31 -0.57 9.90
CA SER A 291 10.93 -0.22 10.20
C SER A 291 9.94 -1.35 9.91
N TYR A 292 9.12 -1.67 10.94
CA TYR A 292 8.13 -2.74 10.92
C TYR A 292 8.76 -4.05 10.47
N ALA A 293 10.00 -4.24 10.91
CA ALA A 293 10.75 -5.44 10.59
C ALA A 293 10.85 -5.62 9.08
N GLY A 294 11.15 -4.53 8.38
CA GLY A 294 11.28 -4.55 6.93
C GLY A 294 10.05 -4.96 6.13
N GLN A 295 8.90 -5.07 6.77
CA GLN A 295 7.67 -5.47 6.09
C GLN A 295 6.95 -4.23 5.52
N ARG A 296 7.71 -3.45 4.76
CA ARG A 296 7.22 -2.26 4.10
C ARG A 296 7.63 -2.35 2.61
N CYS A 297 6.70 -2.08 1.70
CA CYS A 297 7.00 -2.15 0.28
C CYS A 297 8.14 -1.20 -0.06
N ASP A 298 8.22 -0.09 0.67
CA ASP A 298 9.25 0.90 0.48
C ASP A 298 10.46 0.74 1.42
N ALA A 299 10.69 -0.46 1.92
CA ALA A 299 11.84 -0.71 2.80
C ALA A 299 13.13 -0.73 1.95
N ILE A 300 14.22 -0.22 2.50
CA ILE A 300 15.52 -0.21 1.81
C ILE A 300 16.13 -1.61 1.85
N LYS A 301 16.40 -2.17 0.67
CA LYS A 301 16.95 -3.52 0.54
C LYS A 301 18.36 -3.56 -0.03
N LEU A 302 18.86 -2.41 -0.44
CA LEU A 302 20.17 -2.35 -1.08
C LEU A 302 20.72 -0.96 -0.85
N VAL A 303 21.96 -0.90 -0.40
CA VAL A 303 22.60 0.37 -0.14
C VAL A 303 23.84 0.46 -1.01
N LEU A 304 23.91 1.52 -1.82
CA LEU A 304 25.03 1.70 -2.73
C LEU A 304 25.72 2.95 -2.28
N ALA A 305 27.01 2.85 -2.01
CA ALA A 305 27.74 4.01 -1.54
C ALA A 305 29.08 4.19 -2.23
N GLU A 306 29.34 5.41 -2.69
CA GLU A 306 30.57 5.73 -3.37
C GLU A 306 31.78 5.50 -2.48
N ARG A 307 32.85 4.98 -3.08
CA ARG A 307 34.11 4.67 -2.41
C ARG A 307 34.49 5.44 -1.15
N PRO A 308 34.61 6.77 -1.24
CA PRO A 308 34.98 7.60 -0.09
C PRO A 308 34.10 7.72 1.15
N VAL A 309 32.83 7.34 1.07
CA VAL A 309 31.95 7.45 2.22
C VAL A 309 31.49 6.06 2.62
N TYR A 310 31.72 5.08 1.75
CA TYR A 310 31.28 3.73 2.01
C TYR A 310 31.65 3.19 3.38
N GLY A 311 32.94 3.29 3.72
CA GLY A 311 33.41 2.80 5.02
C GLY A 311 32.61 3.34 6.18
N LYS A 312 32.66 4.65 6.38
CA LYS A 312 31.93 5.32 7.45
C LYS A 312 30.44 4.96 7.42
N LEU A 313 29.81 5.20 6.29
CA LEU A 313 28.39 4.96 6.12
C LEU A 313 27.96 3.59 6.58
N VAL A 314 28.58 2.55 6.06
CA VAL A 314 28.20 1.20 6.41
C VAL A 314 28.50 0.86 7.88
N GLU A 315 29.50 1.55 8.43
CA GLU A 315 29.91 1.37 9.82
C GLU A 315 28.79 1.92 10.71
N GLU A 316 28.41 3.18 10.49
CA GLU A 316 27.34 3.84 11.24
C GLU A 316 26.00 3.10 11.13
N VAL A 317 25.66 2.63 9.93
CA VAL A 317 24.40 1.92 9.76
C VAL A 317 24.44 0.60 10.53
N ALA A 318 25.60 -0.03 10.56
CA ALA A 318 25.76 -1.30 11.27
C ALA A 318 25.58 -1.07 12.78
N LYS A 319 26.22 -0.03 13.30
CA LYS A 319 26.11 0.30 14.72
C LYS A 319 24.62 0.52 15.02
N ARG A 320 23.99 1.41 14.26
CA ARG A 320 22.59 1.70 14.46
C ARG A 320 21.70 0.44 14.43
N LEU A 321 21.96 -0.49 13.52
CA LEU A 321 21.14 -1.68 13.45
C LEU A 321 21.33 -2.69 14.58
N SER A 322 22.57 -2.91 15.00
CA SER A 322 22.79 -3.90 16.04
C SER A 322 22.40 -3.37 17.43
N SER A 323 22.29 -2.05 17.56
CA SER A 323 21.91 -1.45 18.83
C SER A 323 20.40 -1.35 18.95
N LEU A 324 19.68 -2.21 18.23
CA LEU A 324 18.21 -2.22 18.24
C LEU A 324 17.66 -3.31 19.15
N ARG A 325 16.51 -3.06 19.76
CA ARG A 325 15.89 -4.05 20.65
C ARG A 325 14.72 -4.79 20.01
N VAL A 326 14.84 -6.11 19.92
CA VAL A 326 13.82 -6.97 19.34
C VAL A 326 13.01 -7.67 20.43
N GLY A 327 11.70 -7.86 20.20
CA GLY A 327 10.86 -8.52 21.19
C GLY A 327 9.36 -8.37 20.94
N ASP A 328 8.57 -8.39 22.02
CA ASP A 328 7.12 -8.22 21.89
C ASP A 328 6.87 -6.76 21.60
N PRO A 329 6.10 -6.47 20.54
CA PRO A 329 5.76 -5.11 20.10
C PRO A 329 5.02 -4.20 21.07
N ARG A 330 4.48 -4.78 22.15
CA ARG A 330 3.77 -4.02 23.15
C ARG A 330 4.69 -3.05 23.91
N ASP A 331 5.92 -3.47 24.24
CA ASP A 331 6.89 -2.63 24.94
C ASP A 331 7.16 -1.35 24.15
N PRO A 332 6.88 -0.17 24.73
CA PRO A 332 7.16 1.04 23.96
C PRO A 332 8.67 1.21 23.83
N THR A 333 9.39 0.24 24.39
CA THR A 333 10.85 0.22 24.37
C THR A 333 11.40 -0.58 23.19
N VAL A 334 10.67 -1.63 22.80
CA VAL A 334 11.04 -2.47 21.67
C VAL A 334 11.09 -1.63 20.37
N ASP A 335 12.03 -1.98 19.49
CA ASP A 335 12.18 -1.28 18.22
C ASP A 335 11.66 -2.14 17.08
N VAL A 336 11.85 -3.46 17.21
CA VAL A 336 11.43 -4.39 16.17
C VAL A 336 10.61 -5.53 16.76
N GLY A 337 9.44 -5.78 16.18
CA GLY A 337 8.57 -6.85 16.64
C GLY A 337 8.80 -8.04 15.76
N PRO A 338 7.86 -8.99 15.72
CA PRO A 338 8.01 -10.18 14.88
C PRO A 338 7.63 -9.98 13.41
N LEU A 339 7.98 -10.97 12.60
CA LEU A 339 7.63 -11.00 11.19
C LEU A 339 6.29 -11.72 11.21
N ILE A 340 5.50 -11.50 10.16
CA ILE A 340 4.16 -12.04 10.09
C ILE A 340 3.97 -13.55 10.18
N SER A 341 4.98 -14.33 9.81
CA SER A 341 4.85 -15.77 9.86
C SER A 341 6.22 -16.43 9.96
N PRO A 342 6.28 -17.65 10.55
CA PRO A 342 7.60 -18.28 10.65
C PRO A 342 8.19 -18.48 9.26
N SER A 343 7.32 -18.71 8.30
CA SER A 343 7.73 -18.91 6.91
C SER A 343 8.58 -17.74 6.40
N ALA A 344 8.18 -16.53 6.77
CA ALA A 344 8.90 -15.34 6.33
C ALA A 344 10.29 -15.29 6.90
N VAL A 345 10.45 -15.75 8.13
CA VAL A 345 11.77 -15.75 8.74
C VAL A 345 12.64 -16.81 8.06
N ASP A 346 12.06 -17.98 7.78
CA ASP A 346 12.80 -19.06 7.12
C ASP A 346 13.47 -18.53 5.86
N GLU A 347 12.70 -17.79 5.06
CA GLU A 347 13.16 -17.22 3.80
C GLU A 347 14.29 -16.21 4.00
N MET A 348 14.18 -15.37 5.02
CA MET A 348 15.22 -14.40 5.27
C MET A 348 16.55 -15.10 5.60
N MET A 349 16.48 -16.17 6.39
CA MET A 349 17.68 -16.91 6.80
C MET A 349 18.31 -17.62 5.60
N ALA A 350 17.47 -18.27 4.80
CA ALA A 350 17.94 -18.96 3.61
C ALA A 350 18.62 -17.93 2.69
N ALA A 351 18.03 -16.74 2.59
CA ALA A 351 18.58 -15.69 1.74
C ALA A 351 19.91 -15.15 2.26
N ILE A 352 20.03 -15.05 3.58
CA ILE A 352 21.28 -14.55 4.15
C ILE A 352 22.38 -15.58 3.90
N GLU A 353 22.04 -16.85 4.03
CA GLU A 353 23.01 -17.90 3.78
C GLU A 353 23.50 -17.77 2.33
N ASP A 354 22.54 -17.72 1.40
CA ASP A 354 22.84 -17.60 -0.03
C ASP A 354 23.84 -16.48 -0.31
N ALA A 355 23.67 -15.36 0.36
CA ALA A 355 24.58 -14.23 0.17
C ALA A 355 25.98 -14.53 0.70
N VAL A 356 26.04 -15.24 1.83
CA VAL A 356 27.32 -15.59 2.42
C VAL A 356 28.06 -16.56 1.52
N GLU A 357 27.36 -17.59 1.06
CA GLU A 357 27.96 -18.58 0.17
C GLU A 357 28.46 -17.92 -1.11
N LYS A 358 27.87 -16.78 -1.47
CA LYS A 358 28.30 -16.08 -2.68
C LYS A 358 29.23 -14.93 -2.45
N GLY A 359 29.99 -14.97 -1.37
CA GLY A 359 30.97 -13.92 -1.10
C GLY A 359 30.53 -12.79 -0.19
N GLY A 360 29.31 -12.89 0.33
CA GLY A 360 28.83 -11.84 1.20
C GLY A 360 29.23 -12.03 2.65
N ARG A 361 29.34 -10.91 3.37
CA ARG A 361 29.69 -10.93 4.79
C ARG A 361 28.68 -10.14 5.62
N VAL A 362 28.17 -10.75 6.69
CA VAL A 362 27.21 -10.11 7.57
C VAL A 362 27.91 -9.00 8.35
N LEU A 363 27.34 -7.80 8.35
CA LEU A 363 27.93 -6.69 9.07
C LEU A 363 27.17 -6.39 10.36
N ALA A 364 25.92 -6.81 10.42
CA ALA A 364 25.10 -6.61 11.60
C ALA A 364 24.00 -7.63 11.61
N GLY A 365 23.57 -8.04 12.80
CA GLY A 365 22.50 -9.03 12.92
C GLY A 365 22.83 -10.39 12.34
N GLY A 366 21.83 -11.06 11.82
CA GLY A 366 22.02 -12.37 11.24
C GLY A 366 21.47 -13.50 12.09
N ARG A 367 21.14 -13.18 13.33
CA ARG A 367 20.63 -14.19 14.26
C ARG A 367 19.12 -14.29 14.36
N ARG A 368 18.60 -15.50 14.19
CA ARG A 368 17.18 -15.74 14.33
C ARG A 368 16.96 -15.83 15.84
N LEU A 369 15.86 -15.29 16.34
CA LEU A 369 15.62 -15.31 17.78
C LEU A 369 14.41 -16.14 18.16
N GLY A 370 13.74 -16.73 17.18
CA GLY A 370 12.57 -17.53 17.44
C GLY A 370 11.80 -17.80 16.16
N PRO A 371 10.69 -18.54 16.20
CA PRO A 371 9.96 -18.80 14.95
C PRO A 371 9.56 -17.54 14.15
N THR A 372 9.24 -16.45 14.83
CA THR A 372 8.87 -15.24 14.10
C THR A 372 9.73 -14.03 14.42
N TYR A 373 10.80 -14.22 15.19
CA TYR A 373 11.67 -13.10 15.54
C TYR A 373 13.07 -13.27 14.94
N VAL A 374 13.64 -12.15 14.50
CA VAL A 374 14.99 -12.13 13.92
C VAL A 374 15.63 -10.77 14.11
N GLN A 375 16.94 -10.71 13.96
CA GLN A 375 17.63 -9.44 14.10
C GLN A 375 17.74 -8.77 12.72
N PRO A 376 17.55 -7.45 12.66
CA PRO A 376 17.68 -6.79 11.36
C PRO A 376 19.13 -6.97 10.88
N THR A 377 19.29 -7.57 9.69
CA THR A 377 20.61 -7.87 9.14
C THR A 377 21.09 -6.98 7.99
N PHE A 378 22.39 -6.69 8.01
CA PHE A 378 23.04 -5.85 6.99
C PHE A 378 24.18 -6.68 6.39
N VAL A 379 23.99 -7.14 5.17
CA VAL A 379 24.98 -7.98 4.50
C VAL A 379 25.80 -7.25 3.43
N GLU A 380 27.11 -7.19 3.64
CA GLU A 380 28.00 -6.55 2.69
C GLU A 380 28.26 -7.50 1.52
N ALA A 381 28.40 -6.96 0.32
CA ALA A 381 28.64 -7.79 -0.86
C ALA A 381 29.42 -7.06 -1.95
N PRO A 382 30.36 -7.78 -2.60
CA PRO A 382 31.16 -7.17 -3.67
C PRO A 382 30.29 -6.98 -4.91
N ALA A 383 30.41 -5.83 -5.56
CA ALA A 383 29.62 -5.52 -6.75
C ALA A 383 29.60 -6.66 -7.79
N ASP A 384 30.76 -7.30 -7.97
CA ASP A 384 30.90 -8.38 -8.95
C ASP A 384 30.14 -9.67 -8.68
N ARG A 385 29.58 -9.80 -7.48
CA ARG A 385 28.83 -11.02 -7.18
C ARG A 385 27.42 -10.77 -6.66
N VAL A 386 27.14 -9.53 -6.30
CA VAL A 386 25.84 -9.20 -5.75
C VAL A 386 24.66 -9.53 -6.65
N LYS A 387 24.78 -9.28 -7.95
CA LYS A 387 23.65 -9.53 -8.83
C LYS A 387 23.09 -10.93 -8.86
N ASP A 388 23.86 -11.93 -8.45
CA ASP A 388 23.32 -13.29 -8.45
C ASP A 388 22.70 -13.68 -7.09
N MET A 389 22.84 -12.82 -6.09
CA MET A 389 22.28 -13.11 -4.77
C MET A 389 20.76 -12.98 -4.67
N VAL A 390 20.13 -13.94 -3.98
CA VAL A 390 18.69 -13.93 -3.78
C VAL A 390 18.22 -12.62 -3.17
N LEU A 391 19.04 -12.03 -2.30
CA LEU A 391 18.68 -10.77 -1.66
C LEU A 391 18.58 -9.60 -2.64
N TYR A 392 19.27 -9.73 -3.78
CA TYR A 392 19.27 -8.68 -4.80
C TYR A 392 18.15 -8.97 -5.81
N LYS A 393 18.14 -10.19 -6.33
CA LYS A 393 17.19 -10.62 -7.35
C LYS A 393 15.75 -10.68 -6.91
N ARG A 394 15.54 -10.79 -5.61
CA ARG A 394 14.19 -10.88 -5.09
C ARG A 394 13.91 -9.95 -3.94
N GLU A 395 12.64 -9.84 -3.59
CA GLU A 395 12.26 -9.02 -2.46
C GLU A 395 12.14 -10.00 -1.29
N VAL A 396 13.02 -9.88 -0.30
CA VAL A 396 12.92 -10.75 0.87
C VAL A 396 12.24 -9.84 1.88
N PHE A 397 10.95 -10.09 2.10
CA PHE A 397 10.14 -9.27 2.97
C PHE A 397 10.46 -9.50 4.44
N ALA A 398 11.54 -8.87 4.87
CA ALA A 398 12.07 -9.00 6.21
C ALA A 398 13.06 -7.87 6.37
N PRO A 399 13.60 -7.68 7.59
CA PRO A 399 14.56 -6.59 7.80
C PRO A 399 15.98 -7.00 7.43
N VAL A 400 16.26 -6.96 6.14
CA VAL A 400 17.56 -7.35 5.63
C VAL A 400 17.89 -6.57 4.36
N ALA A 401 19.12 -6.04 4.30
CA ALA A 401 19.58 -5.27 3.16
C ALA A 401 21.05 -5.59 2.86
N LEU A 402 21.45 -5.33 1.61
CA LEU A 402 22.81 -5.53 1.13
C LEU A 402 23.51 -4.20 1.09
N ALA A 403 24.82 -4.20 1.28
CA ALA A 403 25.61 -2.98 1.19
C ALA A 403 26.62 -3.28 0.10
N VAL A 404 26.73 -2.37 -0.87
CA VAL A 404 27.66 -2.56 -1.98
C VAL A 404 28.43 -1.29 -2.25
N GLU A 405 29.76 -1.41 -2.28
CA GLU A 405 30.60 -0.26 -2.55
C GLU A 405 30.64 -0.06 -4.05
N VAL A 406 30.60 1.19 -4.51
CA VAL A 406 30.62 1.44 -5.95
C VAL A 406 31.64 2.50 -6.30
N LYS A 407 32.14 2.44 -7.53
CA LYS A 407 33.15 3.40 -8.01
C LYS A 407 32.56 4.78 -8.18
N ASP A 408 31.40 4.86 -8.81
CA ASP A 408 30.75 6.15 -9.04
C ASP A 408 29.22 6.09 -9.25
N LEU A 409 28.61 7.24 -9.51
CA LEU A 409 27.17 7.31 -9.71
C LEU A 409 26.69 6.38 -10.82
N ASP A 410 27.39 6.33 -11.94
CA ASP A 410 26.99 5.44 -13.04
C ASP A 410 26.85 4.00 -12.60
N GLN A 411 27.80 3.52 -11.81
CA GLN A 411 27.74 2.14 -11.34
C GLN A 411 26.60 1.96 -10.31
N ALA A 412 26.38 2.97 -9.49
CA ALA A 412 25.31 2.91 -8.50
C ALA A 412 23.97 2.80 -9.23
N ILE A 413 23.76 3.70 -10.20
CA ILE A 413 22.52 3.68 -10.97
C ILE A 413 22.30 2.34 -11.66
N GLU A 414 23.36 1.80 -12.24
CA GLU A 414 23.26 0.53 -12.93
C GLU A 414 22.87 -0.61 -11.99
N LEU A 415 23.49 -0.66 -10.81
CA LEU A 415 23.15 -1.70 -9.84
C LEU A 415 21.73 -1.49 -9.29
N ALA A 416 21.36 -0.25 -9.01
CA ALA A 416 20.02 0.00 -8.51
C ALA A 416 18.99 -0.50 -9.54
N ASN A 417 19.23 -0.21 -10.83
CA ASN A 417 18.32 -0.62 -11.90
C ASN A 417 18.37 -2.09 -12.24
N GLY A 418 19.34 -2.83 -11.70
CA GLY A 418 19.47 -4.25 -12.01
C GLY A 418 18.46 -5.16 -11.33
N ARG A 419 17.77 -4.66 -10.30
CA ARG A 419 16.76 -5.49 -9.64
C ARG A 419 15.54 -5.48 -10.59
N PRO A 420 14.63 -6.44 -10.42
CA PRO A 420 13.47 -6.45 -11.31
C PRO A 420 12.37 -5.47 -10.91
N TYR A 421 12.52 -4.86 -9.74
CA TYR A 421 11.53 -3.92 -9.24
C TYR A 421 11.86 -2.48 -9.55
N GLY A 422 10.88 -1.61 -9.32
CA GLY A 422 11.08 -0.20 -9.54
C GLY A 422 10.00 0.59 -8.83
N LEU A 423 9.96 0.47 -7.51
CA LEU A 423 8.98 1.19 -6.73
C LEU A 423 9.52 2.56 -6.38
N ASP A 424 10.47 2.63 -5.45
CA ASP A 424 11.09 3.91 -5.12
C ASP A 424 12.59 3.70 -5.05
N ALA A 425 13.31 4.80 -4.85
CA ALA A 425 14.74 4.76 -4.69
C ALA A 425 15.00 5.98 -3.82
N ALA A 426 16.11 5.98 -3.10
CA ALA A 426 16.48 7.10 -2.27
C ALA A 426 17.86 7.58 -2.70
N VAL A 427 18.08 8.88 -2.68
CA VAL A 427 19.39 9.38 -3.04
C VAL A 427 19.85 10.41 -2.04
N PHE A 428 21.02 10.20 -1.45
CA PHE A 428 21.56 11.16 -0.48
C PHE A 428 22.78 11.85 -1.09
N GLY A 429 22.78 13.17 -1.09
CA GLY A 429 23.89 13.87 -1.69
C GLY A 429 23.43 15.28 -1.83
N ARG A 430 24.29 16.13 -2.37
CA ARG A 430 23.94 17.54 -2.51
C ARG A 430 24.15 18.14 -3.89
N ASP A 431 25.00 17.54 -4.71
CA ASP A 431 25.26 18.08 -6.07
C ASP A 431 24.04 18.02 -7.01
N VAL A 432 23.52 19.16 -7.42
CA VAL A 432 22.33 19.18 -8.29
C VAL A 432 22.42 18.41 -9.60
N VAL A 433 23.62 18.33 -10.18
CA VAL A 433 23.81 17.63 -11.44
C VAL A 433 23.76 16.12 -11.23
N LYS A 434 24.49 15.63 -10.24
CA LYS A 434 24.46 14.19 -9.99
C LYS A 434 23.04 13.79 -9.63
N ILE A 435 22.40 14.58 -8.78
CA ILE A 435 21.03 14.27 -8.38
C ILE A 435 20.13 14.25 -9.63
N ARG A 436 20.20 15.30 -10.44
CA ARG A 436 19.36 15.33 -11.64
C ARG A 436 19.58 14.10 -12.52
N ARG A 437 20.83 13.67 -12.68
CA ARG A 437 21.13 12.50 -13.48
C ARG A 437 20.47 11.26 -12.92
N ALA A 438 20.59 11.07 -11.61
CA ALA A 438 20.00 9.90 -10.95
C ALA A 438 18.47 9.93 -11.07
N VAL A 439 17.89 11.12 -10.96
CA VAL A 439 16.45 11.26 -11.09
C VAL A 439 15.99 10.77 -12.47
N ARG A 440 16.72 11.18 -13.51
CA ARG A 440 16.35 10.76 -14.85
C ARG A 440 16.51 9.29 -15.13
N LEU A 441 17.63 8.73 -14.70
CA LEU A 441 17.98 7.32 -15.00
C LEU A 441 17.50 6.22 -14.05
N LEU A 442 17.10 6.55 -12.83
CA LEU A 442 16.57 5.50 -11.95
C LEU A 442 15.15 5.16 -12.44
N GLU A 443 14.92 3.92 -12.79
CA GLU A 443 13.64 3.49 -13.30
C GLU A 443 12.73 3.05 -12.15
N VAL A 444 12.08 4.02 -11.51
CA VAL A 444 11.18 3.77 -10.39
C VAL A 444 10.06 4.77 -10.42
N GLY A 445 9.01 4.49 -9.66
CA GLY A 445 7.89 5.39 -9.60
C GLY A 445 8.17 6.64 -8.79
N ALA A 446 9.09 6.56 -7.83
CA ALA A 446 9.36 7.73 -7.01
C ALA A 446 10.78 7.76 -6.48
N ILE A 447 11.33 8.96 -6.35
CA ILE A 447 12.68 9.07 -5.85
C ILE A 447 12.68 10.04 -4.66
N TYR A 448 13.30 9.61 -3.58
CA TYR A 448 13.37 10.46 -2.38
C TYR A 448 14.75 11.01 -2.21
N ILE A 449 14.87 12.32 -2.30
CA ILE A 449 16.15 12.95 -2.16
C ILE A 449 16.38 13.28 -0.67
N ASN A 450 17.49 12.79 -0.14
CA ASN A 450 17.87 13.01 1.25
C ASN A 450 16.84 12.62 2.31
N ASP A 451 16.22 11.48 2.10
CA ASP A 451 15.27 10.94 3.07
C ASP A 451 15.05 9.51 2.67
N MET A 452 14.51 8.72 3.59
CA MET A 452 14.21 7.34 3.29
C MET A 452 12.88 7.36 2.55
N PRO A 453 12.63 6.36 1.72
CA PRO A 453 11.36 6.30 1.00
C PRO A 453 10.23 6.10 2.01
N ARG A 454 9.18 6.90 1.92
CA ARG A 454 8.04 6.79 2.82
C ARG A 454 6.81 7.29 2.06
N HIS A 455 5.90 6.38 1.75
CA HIS A 455 4.69 6.75 1.02
C HIS A 455 3.73 7.61 1.83
N GLY A 456 3.77 7.47 3.16
CA GLY A 456 2.88 8.24 4.02
C GLY A 456 1.42 8.03 3.63
N ILE A 457 0.66 9.10 3.55
CA ILE A 457 -0.75 8.97 3.18
C ILE A 457 -0.96 9.26 1.68
N GLY A 458 0.15 9.35 0.94
CA GLY A 458 0.06 9.61 -0.48
C GLY A 458 -0.10 11.07 -0.80
N TYR A 459 0.49 11.92 0.02
CA TYR A 459 0.42 13.34 -0.22
C TYR A 459 1.09 13.56 -1.60
N TYR A 460 2.10 12.74 -1.91
CA TYR A 460 2.83 12.76 -3.18
C TYR A 460 2.44 11.43 -3.80
N PRO A 461 2.07 11.42 -5.10
CA PRO A 461 1.70 10.11 -5.67
C PRO A 461 2.83 9.09 -5.73
N PHE A 462 2.49 7.81 -5.64
CA PHE A 462 3.49 6.77 -5.66
C PHE A 462 2.98 5.55 -6.39
N GLY A 463 3.91 4.74 -6.85
CA GLY A 463 3.52 3.54 -7.58
C GLY A 463 4.73 2.94 -8.26
N GLY A 464 4.55 1.82 -8.95
CA GLY A 464 5.69 1.20 -9.54
C GLY A 464 5.94 1.27 -11.03
N ARG A 465 7.17 0.86 -11.35
CA ARG A 465 7.67 0.74 -12.70
C ARG A 465 8.11 -0.72 -12.71
N LYS A 466 8.29 -1.27 -13.91
CA LYS A 466 8.75 -2.64 -14.05
C LYS A 466 7.88 -3.64 -13.30
N LYS A 467 8.50 -4.51 -12.52
CA LYS A 467 7.76 -5.52 -11.77
C LYS A 467 6.97 -4.97 -10.58
N SER A 468 7.15 -3.69 -10.29
CA SER A 468 6.46 -3.07 -9.18
C SER A 468 5.06 -2.59 -9.48
N GLY A 469 4.56 -2.92 -10.67
CA GLY A 469 3.19 -2.54 -11.01
C GLY A 469 2.95 -1.41 -12.00
N VAL A 470 1.72 -0.91 -11.99
CA VAL A 470 1.32 0.15 -12.88
C VAL A 470 0.34 1.10 -12.21
N PHE A 471 0.36 2.35 -12.65
CA PHE A 471 -0.51 3.39 -12.14
C PHE A 471 -0.13 3.90 -10.76
N ARG A 472 -0.79 4.95 -10.30
CA ARG A 472 -0.46 5.57 -9.03
C ARG A 472 -1.62 5.75 -8.06
N GLU A 473 -1.25 5.88 -6.79
CA GLU A 473 -2.23 6.19 -5.77
C GLU A 473 -1.69 7.48 -5.20
N GLY A 474 -2.55 8.26 -4.58
CA GLY A 474 -2.10 9.49 -4.02
C GLY A 474 -3.29 10.38 -3.98
N ILE A 475 -3.21 11.38 -3.12
CA ILE A 475 -4.29 12.31 -3.00
C ILE A 475 -4.41 13.04 -4.35
N GLY A 476 -5.58 12.92 -4.96
CA GLY A 476 -5.83 13.55 -6.25
C GLY A 476 -5.59 12.57 -7.38
N TYR A 477 -4.35 12.12 -7.51
CA TYR A 477 -3.97 11.21 -8.59
C TYR A 477 -4.74 9.90 -8.64
N ALA A 478 -5.27 9.45 -7.50
CA ALA A 478 -6.00 8.20 -7.51
C ALA A 478 -7.30 8.33 -8.33
N VAL A 479 -7.68 9.55 -8.67
CA VAL A 479 -8.90 9.74 -9.45
C VAL A 479 -8.86 8.99 -10.79
N GLU A 480 -7.67 8.85 -11.37
CA GLU A 480 -7.51 8.17 -12.65
C GLU A 480 -7.85 6.67 -12.55
N ALA A 481 -7.73 6.12 -11.35
CA ALA A 481 -7.98 4.69 -11.19
C ALA A 481 -9.42 4.26 -10.90
N VAL A 482 -10.28 5.18 -10.51
CA VAL A 482 -11.62 4.74 -10.15
C VAL A 482 -12.71 5.60 -10.76
N THR A 483 -12.30 6.32 -11.80
CA THR A 483 -13.15 7.25 -12.49
C THR A 483 -12.93 7.02 -14.03
N ALA A 484 -13.93 7.32 -14.86
CA ALA A 484 -13.80 7.22 -16.31
C ALA A 484 -14.21 8.58 -16.82
N TYR A 485 -13.62 8.99 -17.93
CA TYR A 485 -13.97 10.26 -18.52
C TYR A 485 -15.27 10.07 -19.31
N LYS A 486 -16.04 11.13 -19.42
CA LYS A 486 -17.22 11.10 -20.28
C LYS A 486 -17.08 12.36 -21.12
N THR A 487 -17.14 12.20 -22.43
CA THR A 487 -17.02 13.37 -23.33
C THR A 487 -18.36 13.74 -23.90
N ILE A 488 -18.67 15.03 -23.93
CA ILE A 488 -19.91 15.44 -24.53
C ILE A 488 -19.51 16.46 -25.60
N VAL A 489 -19.85 16.15 -26.84
CA VAL A 489 -19.53 17.01 -27.98
C VAL A 489 -20.79 17.68 -28.45
N PHE A 490 -20.80 19.02 -28.45
CA PHE A 490 -21.96 19.75 -28.91
C PHE A 490 -21.73 20.23 -30.33
N ASN A 491 -22.76 20.13 -31.17
CA ASN A 491 -22.65 20.54 -32.58
C ASN A 491 -23.51 21.75 -32.88
N TYR A 492 -22.89 22.86 -33.24
CA TYR A 492 -23.63 24.05 -33.57
C TYR A 492 -23.33 24.47 -35.00
N LYS A 493 -22.89 23.53 -35.83
CA LYS A 493 -22.55 23.84 -37.22
C LYS A 493 -23.72 24.48 -37.96
N GLY A 494 -23.48 25.71 -38.44
CA GLY A 494 -24.47 26.45 -39.18
C GLY A 494 -25.60 27.00 -38.34
N LYS A 495 -25.46 26.93 -37.02
CA LYS A 495 -26.52 27.42 -36.15
C LYS A 495 -26.39 28.86 -35.75
N GLY A 496 -25.41 29.56 -36.29
CA GLY A 496 -25.27 30.99 -35.97
C GLY A 496 -24.71 31.39 -34.62
N VAL A 497 -24.00 30.47 -33.96
CA VAL A 497 -23.39 30.81 -32.68
C VAL A 497 -22.14 31.59 -33.07
N TRP A 498 -21.30 30.94 -33.88
CA TRP A 498 -20.06 31.55 -34.39
C TRP A 498 -20.31 31.99 -35.85
N LYS A 499 -19.49 32.92 -36.35
CA LYS A 499 -19.58 33.41 -37.73
C LYS A 499 -18.31 33.01 -38.46
N TYR A 500 -18.13 31.70 -38.65
CA TYR A 500 -16.98 31.11 -39.30
C TYR A 500 -15.83 31.14 -38.30
N GLU A 501 -15.97 30.43 -37.17
CA GLU A 501 -14.93 30.43 -36.12
C GLU A 501 -15.30 29.65 -34.86
C1 G1P B . -19.91 12.41 -10.33
C2 G1P B . -19.79 12.46 -8.81
C3 G1P B . -19.86 13.90 -8.29
C4 G1P B . -18.67 14.60 -8.99
C5 G1P B . -18.84 14.67 -10.50
C6 G1P B . -17.62 15.17 -11.26
O1 G1P B . -21.35 12.39 -10.48
O2 G1P B . -20.88 11.67 -8.25
O3 G1P B . -19.70 13.81 -6.85
O4 G1P B . -18.73 15.92 -8.46
O5 G1P B . -19.35 13.51 -11.12
O6 G1P B . -17.88 15.16 -12.68
P G1P B . -22.40 12.62 -11.70
O1P G1P B . -22.62 14.06 -12.21
O2P G1P B . -22.06 11.53 -12.95
O3P G1P B . -23.85 12.21 -11.05
PA NAD C . -0.01 -10.71 -1.20
O1A NAD C . 0.37 -10.54 -2.62
O2A NAD C . -0.10 -12.11 -0.73
O5B NAD C . -1.34 -10.01 -0.80
C5B NAD C . -2.38 -10.31 -1.61
C4B NAD C . -3.69 -9.70 -1.22
O4B NAD C . -4.35 -10.31 -2.31
C3B NAD C . -4.20 -10.38 0.05
O3B NAD C . -5.34 -9.62 0.50
C2B NAD C . -4.59 -11.73 -0.44
O2B NAD C . -5.53 -12.36 0.46
C1B NAD C . -5.14 -11.43 -1.86
N9A NAD C . -4.93 -12.54 -2.79
C8A NAD C . -4.00 -13.57 -2.71
N7A NAD C . -4.15 -14.40 -3.78
C5A NAD C . -5.16 -13.88 -4.48
C6A NAD C . -5.71 -14.34 -5.68
N6A NAD C . -5.27 -15.44 -6.28
N1A NAD C . -6.76 -13.62 -6.25
C2A NAD C . -7.23 -12.50 -5.66
N3A NAD C . -6.69 -12.05 -4.50
C4A NAD C . -5.64 -12.72 -3.89
O3 NAD C . 1.07 -10.06 -0.30
PN NAD C . 1.18 -9.78 1.22
O1N NAD C . 2.24 -10.71 1.65
O2N NAD C . -0.10 -10.06 1.92
O5D NAD C . 1.65 -8.27 1.23
C5D NAD C . 3.07 -7.98 1.13
C4D NAD C . 3.44 -7.75 -0.34
O4D NAD C . 2.71 -6.60 -0.84
C3D NAD C . 4.94 -7.40 -0.52
O3D NAD C . 5.48 -7.96 -1.75
C2D NAD C . 4.91 -5.87 -0.51
O2D NAD C . 6.08 -5.30 -1.08
C1D NAD C . 3.64 -5.57 -1.26
N1N NAD C . 3.19 -4.21 -0.96
C2N NAD C . 3.28 -3.28 -2.04
C3N NAD C . 2.92 -1.94 -1.81
C7N NAD C . 3.03 -0.87 -2.95
O7N NAD C . 2.72 0.28 -2.74
N7N NAD C . 3.46 -1.34 -4.10
C4N NAD C . 2.46 -1.53 -0.49
C5N NAD C . 2.35 -2.49 0.61
C6N NAD C . 2.72 -3.83 0.34
NA NA D . -13.26 -9.91 -17.37
#